data_7XF1
#
_entry.id   7XF1
#
_cell.length_a   111.181
_cell.length_b   111.181
_cell.length_c   152.736
_cell.angle_alpha   90.000
_cell.angle_beta   90.000
_cell.angle_gamma   120.000
#
_symmetry.space_group_name_H-M   'P 32 2 1'
#
loop_
_entity.id
_entity.type
_entity.pdbx_description
1 polymer CasDinG
2 polymer "DNA (5'-D(*TP*TP*TP*TP*TP*TP*TP*TP*TP*TP*T)-3')"
#
loop_
_entity_poly.entity_id
_entity_poly.type
_entity_poly.pdbx_seq_one_letter_code
_entity_poly.pdbx_strand_id
1 'polypeptide(L)'
;MELPADALPGEGAVREVLRPLLKQAAEKTAAGKIVFAEAATGTGKGRMIASLAAAAAIKGDTVVVSAPLAVTWQLVNDMK
DIPEVRRVGLTLSLGRPNFISPQRTLEWAIDNERADLAAWIEGGGKPLSLRSMETSKVISHELCWLLEDALLLAEDLPAD
SLLLTSEDPADCPAQQLYVAMRSNYTEAGIILCSHFMLAAHTRMMQMRGLGNDEELDDEAPTGLSLPHFIDTLIVDEAHL
LEQAFASVYTHTLRLRPLMRTIEGLGSRGRKPALDALKELFTQMQVASARSTNTSLNVPLSDVPELIPALKDTVKTLGAL
PTKGMSRDARSVIRIATRAANDALSGHSRLRIEVTPVHSYPMLLSGRSNLQRALLGLWNATGGATLVSATLFTTGDNGSL
TRWKLEVPTERAAFLPPVHPAWTTAPVLLHKEFCAHEPDDSPEWATECAQTIQGVASTAQGGTLVLCTSYQNTELLAGRL
GAALGDRLIVQSKTSSAATCLAQFKAKHKAGIRPVWLGLGAAWTGIDLSDHSLPDNPELDRLLSDLVITRIPVGQNRSLT
HERRTAIGGFRIISQEAAWHFRQGLGRLVRRPGVTHKNLWVLDARIYGGAAWVAPFRQILDRYKKA
;
A
2 'polydeoxyribonucleotide' (DT)(DT)(DT)(DT)(DT)(DT)(DT)(DT)(DT)(DT)(DT) B
#
# COMPACT_ATOMS: atom_id res chain seq x y z
N PRO A 4 18.25 -24.87 -19.35
CA PRO A 4 18.69 -23.70 -18.57
C PRO A 4 20.13 -23.82 -18.05
N ALA A 5 21.09 -23.88 -18.98
CA ALA A 5 22.48 -24.01 -18.59
C ALA A 5 22.98 -22.72 -17.94
N ASP A 6 23.76 -22.89 -16.88
CA ASP A 6 24.35 -21.79 -16.11
C ASP A 6 23.24 -20.82 -15.66
N ALA A 7 22.23 -21.37 -15.01
CA ALA A 7 21.11 -20.59 -14.53
C ALA A 7 21.45 -19.93 -13.20
N LEU A 8 20.65 -18.94 -12.83
CA LEU A 8 20.76 -18.32 -11.52
C LEU A 8 20.16 -19.24 -10.46
N PRO A 9 20.57 -19.07 -9.20
CA PRO A 9 19.95 -19.87 -8.13
C PRO A 9 18.45 -19.66 -8.09
N GLY A 10 17.71 -20.77 -7.98
CA GLY A 10 16.26 -20.69 -7.94
C GLY A 10 15.60 -20.38 -9.26
N GLU A 11 16.36 -20.35 -10.36
CA GLU A 11 15.78 -20.04 -11.66
C GLU A 11 14.86 -21.16 -12.16
N GLY A 12 15.02 -22.38 -11.64
CA GLY A 12 14.21 -23.49 -12.11
C GLY A 12 12.72 -23.28 -11.90
N ALA A 13 12.34 -22.74 -10.76
CA ALA A 13 10.95 -22.51 -10.42
C ALA A 13 10.43 -21.16 -10.92
N VAL A 14 11.19 -20.49 -11.79
CA VAL A 14 10.75 -19.24 -12.39
C VAL A 14 10.08 -19.56 -13.73
N ARG A 15 8.94 -18.91 -13.98
CA ARG A 15 8.22 -19.12 -15.22
C ARG A 15 9.11 -18.83 -16.42
N GLU A 16 9.00 -19.69 -17.44
CA GLU A 16 9.86 -19.57 -18.62
C GLU A 16 9.79 -18.18 -19.23
N VAL A 17 8.61 -17.55 -19.17
CA VAL A 17 8.42 -16.25 -19.80
C VAL A 17 9.29 -15.18 -19.15
N LEU A 18 9.56 -15.30 -17.85
CA LEU A 18 10.33 -14.31 -17.12
C LEU A 18 11.82 -14.62 -17.05
N ARG A 19 12.27 -15.74 -17.60
CA ARG A 19 13.70 -16.04 -17.58
C ARG A 19 14.54 -14.99 -18.32
N PRO A 20 14.18 -14.55 -19.53
CA PRO A 20 14.97 -13.48 -20.16
C PRO A 20 15.00 -12.19 -19.35
N LEU A 21 13.88 -11.82 -18.73
CA LEU A 21 13.85 -10.60 -17.92
C LEU A 21 14.70 -10.77 -16.66
N LEU A 22 14.64 -11.96 -16.05
CA LEU A 22 15.50 -12.23 -14.90
C LEU A 22 16.97 -12.14 -15.28
N LYS A 23 17.32 -12.65 -16.46
CA LYS A 23 18.70 -12.59 -16.94
C LYS A 23 19.14 -11.14 -17.10
N GLN A 24 18.33 -10.31 -17.78
CA GLN A 24 18.68 -8.92 -17.98
C GLN A 24 18.77 -8.18 -16.65
N ALA A 25 17.78 -8.38 -15.77
CA ALA A 25 17.77 -7.67 -14.50
C ALA A 25 18.98 -8.04 -13.65
N ALA A 26 19.37 -9.31 -13.67
CA ALA A 26 20.52 -9.75 -12.88
C ALA A 26 21.81 -9.09 -13.36
N GLU A 27 22.03 -9.04 -14.68
CA GLU A 27 23.26 -8.46 -15.21
C GLU A 27 23.35 -6.97 -14.90
N LYS A 28 22.30 -6.21 -15.22
CA LYS A 28 22.36 -4.76 -15.04
C LYS A 28 22.43 -4.39 -13.57
N THR A 29 21.71 -5.12 -12.71
CA THR A 29 21.81 -4.88 -11.27
C THR A 29 23.23 -5.18 -10.77
N ALA A 30 23.83 -6.27 -11.25
CA ALA A 30 25.22 -6.55 -10.92
C ALA A 30 26.15 -5.48 -11.48
N ALA A 31 25.75 -4.84 -12.58
CA ALA A 31 26.54 -3.77 -13.18
C ALA A 31 26.42 -2.45 -12.43
N GLY A 32 25.56 -2.37 -11.42
CA GLY A 32 25.40 -1.18 -10.61
C GLY A 32 24.22 -0.31 -10.98
N LYS A 33 23.53 -0.63 -12.07
CA LYS A 33 22.41 0.19 -12.49
C LYS A 33 21.17 -0.10 -11.62
N ILE A 34 20.29 0.89 -11.54
CA ILE A 34 19.00 0.76 -10.87
C ILE A 34 17.98 0.38 -11.93
N VAL A 35 17.54 -0.88 -11.89
CA VAL A 35 16.87 -1.52 -13.01
C VAL A 35 15.36 -1.39 -12.87
N PHE A 36 14.70 -1.09 -13.99
CA PHE A 36 13.25 -0.99 -14.07
C PHE A 36 12.74 -2.26 -14.75
N ALA A 37 12.19 -3.18 -13.98
CA ALA A 37 11.70 -4.46 -14.48
C ALA A 37 10.19 -4.54 -14.23
N GLU A 38 9.41 -4.51 -15.30
CA GLU A 38 7.96 -4.55 -15.22
C GLU A 38 7.45 -5.88 -15.77
N ALA A 39 6.53 -6.51 -15.03
CA ALA A 39 5.94 -7.78 -15.45
C ALA A 39 4.55 -7.91 -14.86
N ALA A 40 3.70 -8.68 -15.55
CA ALA A 40 2.31 -8.80 -15.16
C ALA A 40 2.17 -9.59 -13.86
N THR A 41 0.95 -9.56 -13.31
CA THR A 41 0.72 -10.11 -11.98
C THR A 41 0.95 -11.62 -11.93
N GLY A 42 0.36 -12.35 -12.89
CA GLY A 42 0.37 -13.80 -12.84
C GLY A 42 1.63 -14.46 -13.34
N THR A 43 2.69 -13.70 -13.60
CA THR A 43 3.92 -14.25 -14.14
C THR A 43 4.89 -14.76 -13.08
N GLY A 44 4.54 -14.65 -11.81
CA GLY A 44 5.40 -15.12 -10.75
C GLY A 44 6.61 -14.24 -10.51
N LYS A 45 6.36 -12.96 -10.23
CA LYS A 45 7.45 -12.04 -9.93
C LYS A 45 8.17 -12.43 -8.65
N GLY A 46 7.47 -13.08 -7.72
CA GLY A 46 8.11 -13.50 -6.48
C GLY A 46 9.21 -14.51 -6.71
N ARG A 47 8.98 -15.47 -7.62
CA ARG A 47 10.01 -16.44 -7.95
C ARG A 47 11.21 -15.76 -8.61
N MET A 48 10.96 -14.79 -9.49
CA MET A 48 12.05 -14.05 -10.11
C MET A 48 12.84 -13.26 -9.07
N ILE A 49 12.15 -12.65 -8.11
CA ILE A 49 12.82 -11.90 -7.06
C ILE A 49 13.68 -12.82 -6.21
N ALA A 50 13.16 -14.01 -5.87
CA ALA A 50 13.93 -14.96 -5.08
C ALA A 50 15.20 -15.37 -5.81
N SER A 51 15.10 -15.62 -7.12
CA SER A 51 16.28 -15.95 -7.91
C SER A 51 17.26 -14.79 -7.96
N LEU A 52 16.75 -13.56 -8.09
CA LEU A 52 17.61 -12.40 -8.10
C LEU A 52 18.36 -12.25 -6.79
N ALA A 53 17.65 -12.38 -5.67
CA ALA A 53 18.28 -12.21 -4.35
C ALA A 53 19.29 -13.32 -4.08
N ALA A 54 18.95 -14.56 -4.42
CA ALA A 54 19.86 -15.67 -4.18
C ALA A 54 21.14 -15.52 -5.00
N ALA A 55 21.01 -15.14 -6.27
CA ALA A 55 22.18 -14.95 -7.12
C ALA A 55 23.06 -13.83 -6.60
N ALA A 56 22.45 -12.74 -6.15
CA ALA A 56 23.22 -11.64 -5.57
C ALA A 56 23.89 -12.06 -4.27
N ALA A 57 23.19 -12.86 -3.45
CA ALA A 57 23.69 -13.19 -2.13
C ALA A 57 24.97 -14.05 -2.20
N ILE A 58 25.01 -15.02 -3.11
CA ILE A 58 26.19 -15.89 -3.19
C ILE A 58 27.40 -15.16 -3.75
N LYS A 59 27.18 -14.02 -4.42
CA LYS A 59 28.30 -13.13 -4.76
C LYS A 59 28.98 -12.59 -3.51
N GLY A 60 28.37 -12.74 -2.34
CA GLY A 60 28.82 -12.11 -1.12
C GLY A 60 28.09 -10.83 -0.78
N ASP A 61 27.04 -10.50 -1.51
CA ASP A 61 26.35 -9.23 -1.34
C ASP A 61 25.42 -9.27 -0.13
N THR A 62 25.44 -8.19 0.65
CA THR A 62 24.41 -7.97 1.65
C THR A 62 23.16 -7.47 0.92
N VAL A 63 22.12 -8.30 0.90
CA VAL A 63 20.97 -8.11 0.02
C VAL A 63 19.76 -7.74 0.86
N VAL A 64 19.04 -6.71 0.44
CA VAL A 64 17.80 -6.27 1.08
C VAL A 64 16.67 -6.41 0.08
N VAL A 65 15.60 -7.07 0.50
CA VAL A 65 14.38 -7.19 -0.29
C VAL A 65 13.30 -6.37 0.41
N SER A 66 12.94 -5.24 -0.18
CA SER A 66 11.90 -4.37 0.36
C SER A 66 10.59 -4.68 -0.36
N ALA A 67 9.56 -5.03 0.41
CA ALA A 67 8.31 -5.47 -0.16
C ALA A 67 7.20 -5.25 0.85
N PRO A 68 5.95 -5.09 0.41
CA PRO A 68 4.84 -4.96 1.36
C PRO A 68 4.73 -6.20 2.23
N LEU A 69 4.29 -5.98 3.47
CA LEU A 69 4.21 -7.07 4.44
C LEU A 69 3.33 -8.22 3.97
N ALA A 70 2.29 -7.92 3.19
CA ALA A 70 1.46 -8.99 2.65
C ALA A 70 2.28 -9.90 1.73
N VAL A 71 3.13 -9.31 0.90
CA VAL A 71 3.95 -10.09 -0.02
C VAL A 71 5.06 -10.82 0.71
N THR A 72 5.38 -10.42 1.94
CA THR A 72 6.53 -10.98 2.64
C THR A 72 6.42 -12.49 2.81
N TRP A 73 5.24 -12.98 3.17
CA TRP A 73 5.06 -14.42 3.37
C TRP A 73 5.32 -15.20 2.09
N GLN A 74 4.85 -14.67 0.95
CA GLN A 74 5.14 -15.33 -0.32
C GLN A 74 6.64 -15.34 -0.62
N LEU A 75 7.31 -14.22 -0.38
CA LEU A 75 8.73 -14.13 -0.71
C LEU A 75 9.57 -15.04 0.17
N VAL A 76 9.25 -15.13 1.47
CA VAL A 76 10.02 -16.05 2.30
C VAL A 76 9.88 -17.46 1.77
N ASN A 77 8.65 -17.88 1.43
CA ASN A 77 8.45 -19.24 0.91
C ASN A 77 9.18 -19.45 -0.41
N ASP A 78 9.14 -18.47 -1.31
CA ASP A 78 9.73 -18.65 -2.62
C ASP A 78 11.25 -18.78 -2.54
N MET A 79 11.90 -18.12 -1.58
CA MET A 79 13.32 -18.34 -1.36
C MET A 79 13.61 -18.95 0.00
N LYS A 80 12.66 -19.66 0.59
CA LYS A 80 12.99 -20.38 1.83
C LYS A 80 13.83 -21.60 1.55
N ASP A 81 13.57 -22.27 0.43
CA ASP A 81 14.07 -23.61 0.20
C ASP A 81 15.19 -23.69 -0.83
N ILE A 82 15.48 -22.61 -1.54
CA ILE A 82 16.58 -22.70 -2.52
C ILE A 82 17.91 -22.77 -1.76
N PRO A 83 18.84 -23.63 -2.19
CA PRO A 83 20.03 -23.90 -1.37
C PRO A 83 20.89 -22.69 -1.09
N GLU A 84 20.99 -21.75 -2.03
CA GLU A 84 21.94 -20.66 -1.88
C GLU A 84 21.57 -19.74 -0.72
N VAL A 85 20.30 -19.39 -0.59
CA VAL A 85 19.86 -18.59 0.55
C VAL A 85 19.90 -19.41 1.82
N ARG A 86 19.70 -20.73 1.72
CA ARG A 86 19.80 -21.59 2.89
C ARG A 86 21.18 -21.48 3.51
N ARG A 87 22.21 -21.41 2.66
CA ARG A 87 23.57 -21.27 3.17
C ARG A 87 23.84 -19.86 3.69
N VAL A 88 23.41 -18.84 2.94
CA VAL A 88 23.67 -17.46 3.35
C VAL A 88 22.68 -16.96 4.39
N GLY A 89 21.53 -17.60 4.53
CA GLY A 89 20.57 -17.20 5.55
C GLY A 89 19.67 -16.09 5.09
N LEU A 90 18.43 -16.13 5.58
CA LEU A 90 17.42 -15.13 5.24
C LEU A 90 16.74 -14.67 6.53
N THR A 91 16.82 -13.38 6.81
CA THR A 91 16.22 -12.82 8.02
C THR A 91 15.19 -11.76 7.63
N LEU A 92 14.62 -11.13 8.65
CA LEU A 92 13.55 -10.17 8.47
C LEU A 92 13.66 -9.07 9.52
N SER A 93 13.37 -7.84 9.13
CA SER A 93 13.41 -6.68 10.01
C SER A 93 12.01 -6.16 10.22
N LEU A 94 11.54 -6.18 11.47
CA LEU A 94 10.20 -5.78 11.83
C LEU A 94 10.23 -4.58 12.76
N GLY A 95 9.43 -3.57 12.44
CA GLY A 95 9.23 -2.45 13.35
C GLY A 95 8.23 -2.77 14.43
N ARG A 96 8.07 -1.80 15.33
CA ARG A 96 7.12 -1.94 16.43
C ARG A 96 5.69 -2.25 16.00
N PRO A 97 5.12 -1.61 14.96
CA PRO A 97 3.69 -1.88 14.66
C PRO A 97 3.37 -3.34 14.36
N ASN A 98 4.36 -4.22 14.24
CA ASN A 98 4.07 -5.64 14.07
C ASN A 98 3.75 -6.34 15.38
N PHE A 99 4.08 -5.72 16.52
CA PHE A 99 4.01 -6.38 17.81
C PHE A 99 2.88 -5.79 18.64
N ILE A 100 2.76 -6.30 19.86
CA ILE A 100 1.62 -6.02 20.72
C ILE A 100 2.11 -5.84 22.16
N SER A 101 1.42 -4.99 22.90
CA SER A 101 1.79 -4.82 24.30
C SER A 101 1.24 -5.98 25.12
N PRO A 102 2.11 -6.80 25.72
CA PRO A 102 1.60 -7.92 26.53
C PRO A 102 0.74 -7.46 27.69
N GLN A 103 1.11 -6.36 28.32
CA GLN A 103 0.37 -5.86 29.47
C GLN A 103 -1.01 -5.37 29.05
N ARG A 104 -1.08 -4.59 27.97
CA ARG A 104 -2.35 -3.99 27.56
C ARG A 104 -3.28 -5.01 26.92
N THR A 105 -2.73 -5.88 26.06
CA THR A 105 -3.55 -6.89 25.41
C THR A 105 -4.07 -7.90 26.41
N LEU A 106 -3.30 -8.22 27.45
CA LEU A 106 -3.81 -9.07 28.52
C LEU A 106 -4.83 -8.30 29.37
N GLU A 107 -4.55 -7.03 29.66
CA GLU A 107 -5.52 -6.21 30.39
C GLU A 107 -6.81 -6.03 29.61
N TRP A 108 -6.76 -6.19 28.29
CA TRP A 108 -7.97 -6.11 27.48
C TRP A 108 -8.74 -7.43 27.51
N ALA A 109 -8.03 -8.56 27.47
CA ALA A 109 -8.70 -9.86 27.45
C ALA A 109 -9.50 -10.10 28.73
N ILE A 110 -8.95 -9.71 29.88
CA ILE A 110 -9.68 -9.86 31.13
C ILE A 110 -10.96 -9.02 31.11
N ASP A 111 -10.88 -7.80 30.59
CA ASP A 111 -12.04 -6.93 30.55
C ASP A 111 -13.15 -7.50 29.68
N ASN A 112 -12.78 -8.09 28.55
CA ASN A 112 -13.76 -8.62 27.60
C ASN A 112 -13.88 -10.14 27.62
N GLU A 113 -13.28 -10.79 28.62
CA GLU A 113 -13.48 -12.22 28.88
C GLU A 113 -13.17 -13.07 27.65
N ARG A 114 -11.96 -12.92 27.12
CA ARG A 114 -11.48 -13.69 25.98
C ARG A 114 -10.45 -14.70 26.50
N ALA A 115 -10.88 -15.96 26.63
CA ALA A 115 -10.05 -16.96 27.30
C ALA A 115 -8.78 -17.24 26.51
N ASP A 116 -8.91 -17.52 25.21
CA ASP A 116 -7.74 -17.86 24.42
C ASP A 116 -6.76 -16.70 24.30
N LEU A 117 -7.27 -15.47 24.28
CA LEU A 117 -6.38 -14.32 24.13
C LEU A 117 -5.51 -14.14 25.37
N ALA A 118 -6.12 -14.17 26.56
CA ALA A 118 -5.35 -14.07 27.80
C ALA A 118 -4.42 -15.26 27.97
N ALA A 119 -4.91 -16.46 27.67
CA ALA A 119 -4.08 -17.66 27.83
C ALA A 119 -2.92 -17.69 26.84
N TRP A 120 -3.02 -16.97 25.72
CA TRP A 120 -1.90 -16.86 24.80
C TRP A 120 -0.83 -15.92 25.33
N ILE A 121 -1.26 -14.82 25.96
CA ILE A 121 -0.29 -13.87 26.50
C ILE A 121 0.36 -14.43 27.74
N GLU A 122 -0.45 -14.95 28.67
CA GLU A 122 0.08 -15.77 29.74
C GLU A 122 0.80 -16.96 29.14
N GLY A 123 2.11 -17.00 29.26
CA GLY A 123 2.89 -18.04 28.62
C GLY A 123 3.75 -17.58 27.47
N GLY A 124 3.93 -16.27 27.30
CA GLY A 124 4.95 -15.75 26.42
C GLY A 124 4.48 -15.28 25.06
N GLY A 125 3.18 -15.34 24.78
CA GLY A 125 2.69 -14.87 23.50
C GLY A 125 3.29 -15.62 22.33
N LYS A 126 3.41 -16.93 22.46
CA LYS A 126 4.14 -17.74 21.50
C LYS A 126 3.46 -17.69 20.13
N PRO A 127 4.22 -17.80 19.04
CA PRO A 127 3.61 -17.84 17.71
C PRO A 127 2.64 -19.01 17.58
N LEU A 128 1.51 -18.76 16.93
CA LEU A 128 0.48 -19.76 16.78
C LEU A 128 0.07 -20.03 15.34
N SER A 129 0.21 -19.06 14.45
CA SER A 129 -0.11 -19.29 13.05
C SER A 129 1.02 -20.06 12.37
N LEU A 130 0.68 -20.68 11.23
CA LEU A 130 1.71 -21.35 10.44
C LEU A 130 2.74 -20.34 9.94
N ARG A 131 2.27 -19.19 9.46
CA ARG A 131 3.18 -18.17 8.95
C ARG A 131 4.15 -17.72 10.03
N SER A 132 3.64 -17.37 11.21
CA SER A 132 4.52 -16.91 12.29
C SER A 132 5.48 -18.00 12.72
N MET A 133 4.99 -19.24 12.84
CA MET A 133 5.85 -20.34 13.24
C MET A 133 6.90 -20.65 12.17
N GLU A 134 6.47 -20.75 10.90
CA GLU A 134 7.42 -21.08 9.84
C GLU A 134 8.45 -19.97 9.64
N THR A 135 7.99 -18.72 9.57
CA THR A 135 8.94 -17.62 9.52
C THR A 135 9.86 -17.63 10.73
N SER A 136 9.34 -18.08 11.89
CA SER A 136 10.20 -18.18 13.06
C SER A 136 11.34 -19.17 12.83
N LYS A 137 11.05 -20.30 12.18
CA LYS A 137 12.12 -21.25 11.85
C LYS A 137 13.06 -20.68 10.80
N VAL A 138 12.50 -20.04 9.76
CA VAL A 138 13.33 -19.50 8.69
C VAL A 138 14.23 -18.39 9.23
N ILE A 139 13.66 -17.50 10.05
CA ILE A 139 14.44 -16.43 10.65
C ILE A 139 15.42 -16.99 11.67
N SER A 140 15.09 -18.14 12.27
CA SER A 140 15.77 -18.65 13.46
C SER A 140 15.60 -17.70 14.64
N HIS A 141 14.44 -17.06 14.72
CA HIS A 141 14.02 -16.24 15.85
C HIS A 141 12.57 -16.58 16.15
N GLU A 142 12.20 -16.54 17.42
CA GLU A 142 10.83 -16.88 17.80
C GLU A 142 9.99 -15.61 17.79
N LEU A 143 9.03 -15.53 16.86
CA LEU A 143 8.26 -14.32 16.63
C LEU A 143 7.04 -14.29 17.56
N CYS A 144 7.30 -13.94 18.82
CA CYS A 144 6.22 -13.82 19.78
C CYS A 144 5.59 -12.44 19.71
N TRP A 145 4.44 -12.32 20.37
CA TRP A 145 3.70 -11.07 20.51
C TRP A 145 3.31 -10.46 19.18
N LEU A 146 3.25 -11.27 18.12
CA LEU A 146 2.88 -10.75 16.81
C LEU A 146 1.44 -10.25 16.83
N LEU A 147 1.22 -9.06 16.26
CA LEU A 147 -0.14 -8.55 16.13
C LEU A 147 -1.03 -9.48 15.33
N GLU A 148 -0.52 -10.00 14.21
CA GLU A 148 -1.31 -10.85 13.33
C GLU A 148 -1.77 -12.11 14.04
N ASP A 149 -0.94 -12.65 14.94
CA ASP A 149 -1.37 -13.78 15.75
C ASP A 149 -2.44 -13.37 16.74
N ALA A 150 -2.29 -12.20 17.37
CA ALA A 150 -3.28 -11.74 18.34
C ALA A 150 -4.64 -11.54 17.69
N LEU A 151 -4.65 -11.08 16.43
CA LEU A 151 -5.91 -10.91 15.71
C LEU A 151 -6.62 -12.25 15.52
N LEU A 152 -5.87 -13.33 15.36
CA LEU A 152 -6.49 -14.64 15.16
C LEU A 152 -7.35 -15.04 16.36
N LEU A 153 -6.89 -14.71 17.57
CA LEU A 153 -7.63 -15.05 18.77
C LEU A 153 -8.80 -14.12 19.01
N ALA A 154 -8.71 -12.86 18.57
CA ALA A 154 -9.78 -11.89 18.77
C ALA A 154 -9.65 -10.85 17.66
N GLU A 155 -10.47 -10.98 16.61
CA GLU A 155 -10.35 -10.10 15.46
C GLU A 155 -10.74 -8.66 15.80
N ASP A 156 -11.64 -8.48 16.77
CA ASP A 156 -12.17 -7.17 17.11
C ASP A 156 -11.33 -6.44 18.16
N LEU A 157 -10.09 -6.86 18.37
CA LEU A 157 -9.26 -6.22 19.37
C LEU A 157 -8.86 -4.81 18.91
N PRO A 158 -8.82 -3.83 19.82
CA PRO A 158 -8.42 -2.47 19.42
C PRO A 158 -6.94 -2.38 19.08
N ALA A 159 -6.61 -2.71 17.83
CA ALA A 159 -5.22 -2.91 17.43
C ALA A 159 -4.34 -1.72 17.82
N ASP A 160 -4.79 -0.50 17.53
CA ASP A 160 -3.96 0.67 17.83
C ASP A 160 -3.72 0.81 19.33
N SER A 161 -4.73 0.51 20.15
CA SER A 161 -4.58 0.60 21.59
C SER A 161 -3.55 -0.38 22.15
N LEU A 162 -3.27 -1.45 21.42
CA LEU A 162 -2.46 -2.55 21.93
C LEU A 162 -1.07 -2.66 21.29
N LEU A 163 -0.79 -1.87 20.25
CA LEU A 163 0.47 -1.99 19.53
C LEU A 163 1.64 -1.55 20.39
N LEU A 164 2.82 -2.04 20.03
CA LEU A 164 4.06 -1.59 20.66
C LEU A 164 4.33 -0.13 20.35
N THR A 165 4.14 0.75 21.32
CA THR A 165 4.65 2.10 21.20
C THR A 165 6.11 2.14 21.61
N SER A 166 6.80 3.21 21.22
CA SER A 166 8.16 3.41 21.72
C SER A 166 8.21 3.67 23.21
N GLU A 167 7.06 3.96 23.83
CA GLU A 167 7.00 4.35 25.23
C GLU A 167 6.86 3.17 26.19
N ASP A 168 6.58 1.96 25.69
CA ASP A 168 6.41 0.82 26.58
C ASP A 168 7.69 0.53 27.34
N PRO A 169 7.60 -0.06 28.53
CA PRO A 169 8.79 -0.25 29.36
C PRO A 169 9.81 -1.15 28.70
N ALA A 170 11.09 -0.94 29.05
CA ALA A 170 12.13 -1.79 28.48
C ALA A 170 11.96 -3.24 28.91
N ASP A 171 11.34 -3.47 30.05
CA ASP A 171 11.25 -4.82 30.60
C ASP A 171 10.15 -5.67 29.98
N CYS A 172 9.19 -5.08 29.25
CA CYS A 172 8.13 -5.91 28.70
C CYS A 172 8.68 -6.76 27.57
N PRO A 173 8.28 -8.02 27.45
CA PRO A 173 8.94 -8.91 26.49
C PRO A 173 8.83 -8.44 25.05
N ALA A 174 7.72 -7.81 24.66
CA ALA A 174 7.53 -7.45 23.27
C ALA A 174 8.57 -6.43 22.81
N GLN A 175 8.82 -5.40 23.64
CA GLN A 175 9.81 -4.41 23.27
C GLN A 175 11.21 -5.01 23.24
N GLN A 176 11.51 -5.91 24.17
CA GLN A 176 12.80 -6.60 24.16
C GLN A 176 12.97 -7.39 22.87
N LEU A 177 11.93 -8.11 22.45
CA LEU A 177 12.03 -8.91 21.23
C LEU A 177 12.27 -8.02 20.03
N TYR A 178 11.54 -6.90 19.94
CA TYR A 178 11.72 -5.99 18.82
C TYR A 178 13.12 -5.38 18.83
N VAL A 179 13.55 -4.86 19.98
CA VAL A 179 14.84 -4.19 20.06
C VAL A 179 15.98 -5.18 19.78
N ALA A 180 15.86 -6.40 20.33
CA ALA A 180 16.89 -7.41 20.07
C ALA A 180 16.92 -7.79 18.60
N MET A 181 15.75 -7.96 17.98
CA MET A 181 15.69 -8.33 16.57
C MET A 181 16.09 -7.18 15.63
N ARG A 182 16.35 -5.99 16.17
CA ARG A 182 16.87 -4.92 15.34
C ARG A 182 18.24 -5.27 14.75
N SER A 183 18.93 -6.25 15.34
CA SER A 183 20.22 -6.73 14.86
C SER A 183 20.09 -7.90 13.91
N ASN A 184 18.92 -8.09 13.30
CA ASN A 184 18.71 -9.26 12.44
C ASN A 184 19.55 -9.21 11.18
N TYR A 185 19.83 -8.02 10.64
CA TYR A 185 20.63 -7.94 9.42
C TYR A 185 22.06 -8.40 9.65
N THR A 186 22.49 -8.53 10.91
CA THR A 186 23.83 -9.01 11.21
C THR A 186 23.98 -10.48 10.83
N GLU A 187 22.94 -11.28 11.00
CA GLU A 187 23.05 -12.73 11.04
C GLU A 187 22.51 -13.42 9.79
N ALA A 188 22.32 -12.68 8.68
CA ALA A 188 21.88 -13.32 7.45
C ALA A 188 22.25 -12.45 6.26
N GLY A 189 22.25 -13.07 5.09
CA GLY A 189 22.68 -12.40 3.87
C GLY A 189 21.57 -11.66 3.14
N ILE A 190 20.33 -12.14 3.27
CA ILE A 190 19.18 -11.52 2.64
C ILE A 190 18.22 -11.06 3.74
N ILE A 191 17.74 -9.82 3.64
CA ILE A 191 16.94 -9.19 4.67
C ILE A 191 15.64 -8.73 4.04
N LEU A 192 14.52 -9.13 4.63
CA LEU A 192 13.21 -8.65 4.20
C LEU A 192 12.73 -7.53 5.10
N CYS A 193 12.05 -6.56 4.50
CA CYS A 193 11.44 -5.45 5.22
C CYS A 193 10.39 -4.83 4.32
N SER A 194 9.59 -3.95 4.90
CA SER A 194 8.60 -3.21 4.13
C SER A 194 9.20 -1.94 3.56
N HIS A 195 8.49 -1.36 2.59
CA HIS A 195 8.91 -0.08 2.04
C HIS A 195 8.94 1.01 3.12
N PHE A 196 8.03 0.92 4.09
CA PHE A 196 8.04 1.85 5.21
C PHE A 196 9.29 1.68 6.06
N MET A 197 9.73 0.44 6.24
CA MET A 197 10.97 0.21 6.97
C MET A 197 12.16 0.79 6.21
N LEU A 198 12.21 0.60 4.90
CA LEU A 198 13.31 1.14 4.10
C LEU A 198 13.31 2.66 4.14
N ALA A 199 12.14 3.28 4.00
CA ALA A 199 12.04 4.73 4.06
C ALA A 199 12.44 5.26 5.43
N ALA A 200 11.99 4.60 6.50
CA ALA A 200 12.35 5.02 7.85
C ALA A 200 13.85 4.86 8.08
N HIS A 201 14.42 3.76 7.61
CA HIS A 201 15.86 3.57 7.73
C HIS A 201 16.63 4.66 6.99
N THR A 202 16.18 5.02 5.80
CA THR A 202 16.85 6.06 5.03
C THR A 202 16.77 7.40 5.76
N ARG A 203 15.60 7.71 6.34
CA ARG A 203 15.47 8.96 7.09
C ARG A 203 16.39 8.97 8.30
N MET A 204 16.50 7.84 9.01
CA MET A 204 17.41 7.78 10.14
C MET A 204 18.86 7.93 9.68
N MET A 205 19.20 7.35 8.53
CA MET A 205 20.53 7.53 7.97
C MET A 205 20.82 8.99 7.68
N GLN A 206 19.83 9.70 7.12
CA GLN A 206 20.01 11.11 6.78
C GLN A 206 20.24 11.96 8.02
N MET A 207 19.48 11.71 9.09
CA MET A 207 19.48 12.61 10.23
C MET A 207 20.80 12.62 11.00
N ARG A 208 21.63 11.59 10.86
CA ARG A 208 22.98 11.65 11.41
C ARG A 208 23.91 12.35 10.44
N LEU A 224 21.14 0.77 12.05
CA LEU A 224 20.54 0.28 13.27
C LEU A 224 19.74 -0.99 13.01
N SER A 225 18.86 -0.94 12.03
CA SER A 225 18.05 -2.08 11.65
C SER A 225 18.33 -2.58 10.24
N LEU A 226 19.16 -1.88 9.47
CA LEU A 226 19.53 -2.26 8.12
C LEU A 226 20.99 -1.88 7.90
N PRO A 227 21.67 -2.50 6.93
CA PRO A 227 23.06 -2.12 6.66
C PRO A 227 23.18 -0.67 6.22
N HIS A 228 24.30 -0.05 6.58
CA HIS A 228 24.53 1.34 6.16
C HIS A 228 24.64 1.44 4.64
N PHE A 229 25.13 0.39 3.99
CA PHE A 229 25.18 0.33 2.54
C PHE A 229 24.56 -0.99 2.10
N ILE A 230 23.59 -0.92 1.19
CA ILE A 230 22.93 -2.09 0.64
C ILE A 230 23.60 -2.41 -0.68
N ASP A 231 24.26 -3.57 -0.76
CA ASP A 231 24.94 -3.96 -1.99
C ASP A 231 23.95 -4.18 -3.11
N THR A 232 22.90 -4.97 -2.86
CA THR A 232 21.86 -5.24 -3.84
C THR A 232 20.51 -5.09 -3.17
N LEU A 233 19.59 -4.39 -3.83
CA LEU A 233 18.26 -4.12 -3.30
C LEU A 233 17.22 -4.52 -4.35
N ILE A 234 16.28 -5.37 -3.97
CA ILE A 234 15.13 -5.70 -4.79
C ILE A 234 13.89 -5.11 -4.12
N VAL A 235 13.16 -4.27 -4.85
CA VAL A 235 11.97 -3.63 -4.33
C VAL A 235 10.77 -4.28 -5.03
N ASP A 236 10.06 -5.13 -4.30
CA ASP A 236 8.83 -5.70 -4.82
C ASP A 236 7.69 -4.71 -4.72
N GLU A 237 6.77 -4.78 -5.68
CA GLU A 237 5.67 -3.82 -5.80
C GLU A 237 6.21 -2.40 -5.74
N ALA A 238 7.24 -2.14 -6.57
CA ALA A 238 8.01 -0.91 -6.47
C ALA A 238 7.17 0.34 -6.70
N HIS A 239 6.00 0.21 -7.32
CA HIS A 239 5.15 1.38 -7.55
C HIS A 239 4.68 2.01 -6.24
N LEU A 240 4.67 1.26 -5.14
CA LEU A 240 4.27 1.76 -3.83
C LEU A 240 5.42 2.32 -3.01
N LEU A 241 6.67 2.13 -3.42
CA LEU A 241 7.80 2.58 -2.62
C LEU A 241 7.77 4.10 -2.45
N GLU A 242 7.39 4.82 -3.50
CA GLU A 242 7.32 6.28 -3.43
C GLU A 242 6.40 6.73 -2.31
N GLN A 243 5.21 6.13 -2.23
CA GLN A 243 4.24 6.53 -1.22
C GLN A 243 4.76 6.29 0.19
N ALA A 244 5.54 5.22 0.38
CA ALA A 244 6.07 4.92 1.70
C ALA A 244 7.00 6.01 2.19
N PHE A 245 7.83 6.56 1.29
CA PHE A 245 8.69 7.68 1.67
C PHE A 245 7.87 8.91 2.06
N ALA A 246 6.79 9.18 1.31
CA ALA A 246 5.95 10.34 1.61
C ALA A 246 5.31 10.21 2.99
N SER A 247 4.76 9.03 3.30
CA SER A 247 4.13 8.82 4.60
C SER A 247 5.15 8.87 5.73
N VAL A 248 6.34 8.29 5.51
CA VAL A 248 7.39 8.32 6.53
C VAL A 248 7.85 9.75 6.76
N TYR A 249 7.92 10.56 5.70
CA TYR A 249 8.40 11.93 5.78
C TYR A 249 7.27 12.92 6.05
N THR A 250 6.09 12.43 6.43
CA THR A 250 4.96 13.27 6.78
C THR A 250 4.67 13.09 8.27
N HIS A 251 4.51 14.20 8.99
CA HIS A 251 4.18 14.19 10.40
C HIS A 251 2.88 14.97 10.58
N THR A 252 1.86 14.30 11.11
CA THR A 252 0.51 14.84 11.17
C THR A 252 0.07 14.98 12.61
N LEU A 253 -0.52 16.14 12.94
CA LEU A 253 -0.99 16.43 14.29
C LEU A 253 -2.48 16.12 14.38
N ARG A 254 -2.83 15.23 15.29
CA ARG A 254 -4.22 14.87 15.54
C ARG A 254 -4.68 15.53 16.82
N LEU A 255 -5.79 16.28 16.75
CA LEU A 255 -6.18 17.17 17.84
C LEU A 255 -7.09 16.47 18.87
N ARG A 256 -8.20 15.90 18.40
CA ARG A 256 -9.14 15.25 19.31
C ARG A 256 -8.51 14.20 20.21
N PRO A 257 -7.65 13.30 19.72
CA PRO A 257 -6.97 12.38 20.66
C PRO A 257 -6.07 13.09 21.65
N LEU A 258 -5.28 14.06 21.18
CA LEU A 258 -4.49 14.87 22.10
C LEU A 258 -5.38 15.59 23.11
N MET A 259 -6.31 16.41 22.60
CA MET A 259 -7.15 17.22 23.49
C MET A 259 -7.82 16.36 24.55
N ARG A 260 -8.27 15.15 24.16
CA ARG A 260 -8.89 14.24 25.12
C ARG A 260 -7.88 13.70 26.10
N THR A 261 -6.60 13.58 25.70
CA THR A 261 -5.59 12.97 26.56
C THR A 261 -5.17 13.88 27.70
N ILE A 262 -4.98 15.18 27.45
CA ILE A 262 -4.70 16.12 28.53
C ILE A 262 -5.86 16.19 29.52
N GLU A 263 -7.09 15.97 29.06
CA GLU A 263 -8.24 15.99 29.97
C GLU A 263 -8.10 14.95 31.08
N GLY A 264 -7.38 13.87 30.83
CA GLY A 264 -7.14 12.85 31.84
C GLY A 264 -5.75 12.92 32.45
N LEU A 274 -4.65 22.18 26.79
CA LEU A 274 -4.37 23.58 27.10
C LEU A 274 -5.21 24.51 26.24
N ASP A 275 -5.39 25.75 26.72
CA ASP A 275 -6.29 26.69 26.05
C ASP A 275 -5.69 27.22 24.75
N ALA A 276 -4.37 27.41 24.70
CA ALA A 276 -3.75 27.92 23.48
C ALA A 276 -3.91 26.95 22.33
N LEU A 277 -4.00 25.64 22.63
CA LEU A 277 -4.24 24.65 21.59
C LEU A 277 -5.67 24.69 21.09
N LYS A 278 -6.63 25.03 21.97
CA LYS A 278 -7.99 25.31 21.52
C LYS A 278 -8.01 26.52 20.59
N GLU A 279 -7.23 27.55 20.91
CA GLU A 279 -7.12 28.72 20.04
C GLU A 279 -6.38 28.38 18.75
N LEU A 280 -5.49 27.39 18.79
CA LEU A 280 -4.86 26.92 17.57
C LEU A 280 -5.89 26.34 16.60
N PHE A 281 -6.82 25.54 17.13
CA PHE A 281 -7.88 24.99 16.30
C PHE A 281 -8.78 26.09 15.76
N THR A 282 -9.17 27.04 16.62
CA THR A 282 -9.96 28.17 16.17
C THR A 282 -9.23 28.96 15.09
N GLN A 283 -7.90 29.08 15.23
CA GLN A 283 -7.14 29.82 14.24
C GLN A 283 -7.06 29.06 12.92
N MET A 284 -6.91 27.73 12.98
CA MET A 284 -6.83 26.93 11.77
C MET A 284 -8.07 27.10 10.91
N GLN A 285 -9.22 27.36 11.55
CA GLN A 285 -10.48 27.44 10.82
C GLN A 285 -10.53 28.62 9.87
N VAL A 286 -9.78 29.70 10.14
CA VAL A 286 -9.87 30.88 9.28
C VAL A 286 -9.25 30.61 7.91
N ALA A 287 -8.24 29.75 7.84
CA ALA A 287 -7.51 29.53 6.59
C ALA A 287 -7.98 28.26 5.89
N THR A 292 -12.82 24.29 -2.38
CA THR A 292 -12.89 23.35 -1.27
C THR A 292 -11.50 22.92 -0.83
N ASN A 293 -10.51 23.75 -1.18
CA ASN A 293 -9.11 23.49 -0.85
C ASN A 293 -8.74 24.27 0.39
N THR A 294 -8.47 23.56 1.48
CA THR A 294 -8.11 24.19 2.76
C THR A 294 -6.62 24.00 3.00
N SER A 295 -5.86 25.08 2.81
CA SER A 295 -4.44 25.14 3.16
C SER A 295 -3.63 24.01 2.53
N LEU A 296 -3.85 23.80 1.24
CA LEU A 296 -3.15 22.72 0.54
C LEU A 296 -1.81 23.24 0.02
N ASN A 297 -0.73 22.56 0.42
CA ASN A 297 0.59 22.77 -0.19
C ASN A 297 1.02 24.25 -0.06
N VAL A 298 0.93 24.77 1.17
CA VAL A 298 1.29 26.16 1.46
C VAL A 298 2.13 26.20 2.74
N PRO A 299 3.47 26.36 2.64
CA PRO A 299 4.31 26.20 3.82
C PRO A 299 4.15 27.30 4.87
N LEU A 300 4.37 28.55 4.47
CA LEU A 300 4.23 29.66 5.40
C LEU A 300 3.50 30.86 4.80
N SER A 301 2.93 30.74 3.60
CA SER A 301 2.31 31.90 2.96
C SER A 301 1.11 32.39 3.75
N ASP A 302 0.42 31.50 4.46
CA ASP A 302 -0.65 31.87 5.38
C ASP A 302 -0.17 31.65 6.81
N VAL A 303 -0.11 32.74 7.58
CA VAL A 303 0.21 32.65 9.00
C VAL A 303 -0.79 33.54 9.74
N PRO A 304 -2.05 33.11 9.90
CA PRO A 304 -3.00 33.94 10.64
C PRO A 304 -2.60 34.12 12.09
N GLU A 305 -2.52 33.00 12.80
CA GLU A 305 -1.89 32.98 14.12
C GLU A 305 -1.16 31.64 14.28
N LEU A 306 -0.84 30.94 13.19
CA LEU A 306 -0.38 29.57 13.35
C LEU A 306 0.97 29.50 14.06
N ILE A 307 1.93 30.34 13.68
CA ILE A 307 3.25 30.29 14.31
C ILE A 307 3.21 30.70 15.79
N PRO A 308 2.33 31.65 16.26
CA PRO A 308 2.18 31.80 17.71
C PRO A 308 1.50 30.60 18.34
N ALA A 309 0.42 30.15 17.70
CA ALA A 309 -0.33 29.01 18.21
C ALA A 309 0.50 27.73 18.18
N LEU A 310 1.36 27.59 17.17
CA LEU A 310 2.25 26.43 17.13
C LEU A 310 3.26 26.48 18.27
N LYS A 311 3.93 27.63 18.44
CA LYS A 311 4.96 27.76 19.47
C LYS A 311 4.37 27.57 20.86
N ASP A 312 3.19 28.13 21.11
CA ASP A 312 2.56 27.95 22.42
C ASP A 312 2.20 26.49 22.65
N THR A 313 1.68 25.82 21.62
CA THR A 313 1.44 24.38 21.72
C THR A 313 2.75 23.62 21.95
N VAL A 314 3.84 24.07 21.31
CA VAL A 314 5.13 23.39 21.45
C VAL A 314 5.56 23.33 22.91
N LYS A 315 5.37 24.42 23.64
CA LYS A 315 5.81 24.45 25.04
C LYS A 315 4.78 23.86 25.98
N THR A 316 3.48 24.07 25.72
CA THR A 316 2.46 23.54 26.63
C THR A 316 2.44 22.01 26.64
N LEU A 317 2.85 21.37 25.55
CA LEU A 317 2.84 19.91 25.49
C LEU A 317 4.14 19.30 26.00
N GLY A 318 5.28 19.92 25.71
CA GLY A 318 6.56 19.39 26.13
C GLY A 318 6.97 19.72 27.55
N ALA A 319 6.29 20.64 28.21
CA ALA A 319 6.64 21.03 29.58
C ALA A 319 5.84 20.28 30.63
N LEU A 320 4.77 19.59 30.24
CA LEU A 320 3.91 18.91 31.22
C LEU A 320 4.67 17.77 31.89
N PRO A 321 4.27 17.40 33.11
CA PRO A 321 5.05 16.42 33.88
C PRO A 321 5.04 15.04 33.25
N THR A 322 6.23 14.53 32.95
CA THR A 322 6.36 13.14 32.51
C THR A 322 5.98 12.17 33.62
N LYS A 323 6.36 12.49 34.86
CA LYS A 323 5.98 11.67 36.01
C LYS A 323 4.47 11.65 36.15
N GLY A 324 3.90 10.45 36.09
CA GLY A 324 2.46 10.28 36.16
C GLY A 324 1.76 10.30 34.83
N MET A 325 2.41 10.83 33.78
CA MET A 325 1.86 10.72 32.43
C MET A 325 1.79 9.25 32.04
N SER A 326 0.61 8.81 31.60
CA SER A 326 0.37 7.40 31.34
C SER A 326 1.38 6.87 30.33
N ARG A 327 1.81 5.62 30.53
CA ARG A 327 2.81 5.03 29.66
C ARG A 327 2.32 4.94 28.21
N ASP A 328 1.01 5.02 28.00
CA ASP A 328 0.43 5.10 26.67
C ASP A 328 -0.03 6.51 26.31
N ALA A 329 -0.09 7.43 27.26
CA ALA A 329 -0.47 8.81 26.97
C ALA A 329 0.73 9.68 26.63
N ARG A 330 1.93 9.32 27.12
CA ARG A 330 3.13 10.04 26.72
C ARG A 330 3.41 9.87 25.24
N SER A 331 2.96 8.77 24.65
CA SER A 331 3.10 8.58 23.21
C SER A 331 2.28 9.61 22.44
N VAL A 332 1.05 9.89 22.91
CA VAL A 332 0.23 10.90 22.26
C VAL A 332 0.90 12.26 22.31
N ILE A 333 1.51 12.60 23.45
CA ILE A 333 2.22 13.86 23.56
C ILE A 333 3.38 13.91 22.59
N ARG A 334 4.17 12.83 22.55
CA ARG A 334 5.38 12.82 21.72
C ARG A 334 5.05 12.94 20.24
N ILE A 335 4.04 12.20 19.76
CA ILE A 335 3.76 12.19 18.33
C ILE A 335 3.23 13.54 17.87
N ALA A 336 2.43 14.20 18.71
CA ALA A 336 1.88 15.50 18.33
C ALA A 336 2.89 16.63 18.43
N THR A 337 3.81 16.57 19.40
CA THR A 337 4.91 17.54 19.41
C THR A 337 5.87 17.31 18.26
N ARG A 338 5.97 16.07 17.77
CA ARG A 338 6.75 15.83 16.56
C ARG A 338 6.12 16.55 15.37
N ALA A 339 4.80 16.48 15.25
CA ALA A 339 4.12 17.21 14.18
C ALA A 339 4.25 18.71 14.38
N ALA A 340 4.22 19.15 15.64
CA ALA A 340 4.45 20.57 15.92
C ALA A 340 5.85 20.99 15.48
N ASN A 341 6.87 20.22 15.88
CA ASN A 341 8.24 20.57 15.51
C ASN A 341 8.61 20.18 14.08
N ASP A 342 7.75 19.46 13.36
CA ASP A 342 7.90 19.33 11.93
C ASP A 342 7.32 20.53 11.19
N ALA A 343 6.22 21.09 11.70
CA ALA A 343 5.76 22.39 11.24
C ALA A 343 6.60 23.53 11.80
N LEU A 344 7.46 23.25 12.79
CA LEU A 344 8.35 24.27 13.34
C LEU A 344 9.38 24.72 12.30
N SER A 345 9.97 23.77 11.57
CA SER A 345 11.11 24.07 10.73
C SER A 345 10.76 25.07 9.64
N GLY A 346 9.56 24.94 9.07
CA GLY A 346 9.21 25.72 7.90
C GLY A 346 9.80 25.19 6.61
N HIS A 347 10.49 24.05 6.67
CA HIS A 347 11.08 23.39 5.52
C HIS A 347 10.12 22.36 4.92
N SER A 348 8.87 22.36 5.37
CA SER A 348 7.87 21.41 4.91
C SER A 348 6.56 22.14 4.62
N ARG A 349 5.73 21.51 3.80
CA ARG A 349 4.40 22.03 3.50
C ARG A 349 3.42 21.69 4.61
N LEU A 350 2.27 22.38 4.59
CA LEU A 350 1.20 22.13 5.54
C LEU A 350 -0.11 21.89 4.81
N ARG A 351 -1.01 21.17 5.47
CA ARG A 351 -2.30 20.83 4.89
C ARG A 351 -3.24 20.38 6.01
N ILE A 352 -4.50 20.79 5.91
CA ILE A 352 -5.53 20.46 6.89
C ILE A 352 -6.45 19.40 6.31
N GLU A 353 -6.69 18.35 7.08
CA GLU A 353 -7.51 17.22 6.64
C GLU A 353 -8.56 16.93 7.71
N VAL A 354 -9.56 16.15 7.31
CA VAL A 354 -10.73 15.85 8.15
C VAL A 354 -10.98 14.36 8.11
N THR A 355 -11.25 13.78 9.28
CA THR A 355 -11.46 12.34 9.38
C THR A 355 -12.76 11.92 8.68
N PRO A 356 -12.81 10.70 8.14
CA PRO A 356 -14.07 10.21 7.56
C PRO A 356 -15.19 10.11 8.57
N VAL A 357 -14.89 9.77 9.82
CA VAL A 357 -15.93 9.54 10.82
C VAL A 357 -16.70 10.81 11.10
N HIS A 358 -15.98 11.92 11.26
CA HIS A 358 -16.59 13.20 11.63
C HIS A 358 -15.61 14.30 11.28
N SER A 359 -16.08 15.54 11.37
CA SER A 359 -15.27 16.70 10.96
C SER A 359 -14.30 17.07 12.07
N TYR A 360 -13.36 16.16 12.33
CA TYR A 360 -12.33 16.40 13.32
C TYR A 360 -11.19 17.21 12.70
N PRO A 361 -10.46 17.98 13.50
CA PRO A 361 -9.32 18.73 12.98
C PRO A 361 -8.00 17.96 12.93
N MET A 362 -7.34 17.97 11.77
CA MET A 362 -6.05 17.30 11.60
C MET A 362 -5.12 18.21 10.82
N LEU A 363 -3.91 18.40 11.34
CA LEU A 363 -2.91 19.24 10.70
C LEU A 363 -1.71 18.38 10.31
N LEU A 364 -1.24 18.54 9.07
CA LEU A 364 -0.19 17.73 8.51
C LEU A 364 1.00 18.59 8.10
N SER A 365 2.20 18.02 8.22
CA SER A 365 3.42 18.67 7.74
C SER A 365 4.18 17.65 6.87
N GLY A 366 3.81 17.59 5.59
CA GLY A 366 4.47 16.73 4.64
C GLY A 366 5.50 17.49 3.80
N ARG A 367 6.10 16.75 2.86
CA ARG A 367 7.13 17.31 2.00
C ARG A 367 6.80 16.96 0.56
N SER A 368 6.78 18.00 -0.30
CA SER A 368 6.47 17.82 -1.71
C SER A 368 7.70 17.50 -2.55
N ASN A 369 8.89 17.80 -2.05
CA ASN A 369 10.14 17.45 -2.71
C ASN A 369 10.84 16.40 -1.86
N LEU A 370 11.02 15.20 -2.43
CA LEU A 370 11.62 14.08 -1.73
C LEU A 370 12.93 13.64 -2.35
N GLN A 371 13.64 14.57 -3.01
CA GLN A 371 14.85 14.17 -3.73
C GLN A 371 16.01 13.87 -2.80
N ARG A 372 16.21 14.71 -1.78
CA ARG A 372 17.34 14.51 -0.87
C ARG A 372 17.25 13.17 -0.17
N ALA A 373 16.06 12.81 0.29
CA ALA A 373 15.87 11.53 0.99
C ALA A 373 16.02 10.36 0.04
N LEU A 374 15.35 10.42 -1.11
CA LEU A 374 15.40 9.31 -2.06
C LEU A 374 16.81 9.14 -2.61
N LEU A 375 17.49 10.25 -2.89
CA LEU A 375 18.88 10.18 -3.37
C LEU A 375 19.77 9.54 -2.30
N GLY A 376 19.50 9.83 -1.03
CA GLY A 376 20.25 9.20 0.05
C GLY A 376 20.09 7.69 0.06
N LEU A 377 18.88 7.21 -0.27
CA LEU A 377 18.68 5.78 -0.41
C LEU A 377 19.49 5.21 -1.56
N TRP A 378 19.42 5.86 -2.73
CA TRP A 378 20.05 5.30 -3.92
C TRP A 378 21.56 5.35 -3.83
N ASN A 379 22.13 6.34 -3.13
CA ASN A 379 23.57 6.36 -2.91
C ASN A 379 24.00 5.16 -2.08
N ALA A 380 23.24 4.82 -1.04
CA ALA A 380 23.57 3.69 -0.19
C ALA A 380 23.29 2.34 -0.85
N THR A 381 23.06 2.32 -2.17
CA THR A 381 22.77 1.09 -2.89
C THR A 381 23.80 0.92 -4.01
N GLY A 382 24.37 -0.28 -4.09
CA GLY A 382 25.27 -0.59 -5.18
C GLY A 382 24.52 -0.85 -6.46
N GLY A 383 23.57 -1.78 -6.41
CA GLY A 383 22.69 -2.03 -7.53
C GLY A 383 21.30 -2.38 -7.02
N ALA A 384 20.30 -2.11 -7.84
CA ALA A 384 18.93 -2.33 -7.44
C ALA A 384 18.10 -2.80 -8.61
N THR A 385 17.04 -3.56 -8.30
CA THR A 385 16.04 -3.95 -9.28
C THR A 385 14.68 -3.51 -8.75
N LEU A 386 14.02 -2.62 -9.50
CA LEU A 386 12.68 -2.15 -9.14
C LEU A 386 11.67 -3.02 -9.89
N VAL A 387 10.92 -3.83 -9.15
CA VAL A 387 9.99 -4.80 -9.73
C VAL A 387 8.56 -4.37 -9.41
N SER A 388 7.71 -4.31 -10.43
CA SER A 388 6.29 -4.02 -10.27
C SER A 388 5.59 -4.37 -11.57
N ALA A 389 4.26 -4.27 -11.56
CA ALA A 389 3.46 -4.54 -12.75
C ALA A 389 3.18 -3.29 -13.56
N THR A 390 3.15 -2.11 -12.91
CA THR A 390 2.96 -0.83 -13.59
C THR A 390 4.11 0.10 -13.18
N LEU A 391 5.23 -0.02 -13.90
CA LEU A 391 6.36 0.89 -13.75
C LEU A 391 6.48 1.89 -14.89
N PHE A 392 6.02 1.51 -16.07
CA PHE A 392 6.24 2.28 -17.29
C PHE A 392 4.98 3.04 -17.68
N THR A 393 5.16 4.28 -18.12
CA THR A 393 4.05 5.04 -18.66
C THR A 393 3.61 4.48 -20.01
N THR A 394 4.55 4.41 -20.97
CA THR A 394 4.32 3.81 -22.28
C THR A 394 5.54 2.99 -22.65
N GLY A 395 5.31 1.76 -23.11
CA GLY A 395 6.42 0.92 -23.52
C GLY A 395 7.39 0.68 -22.39
N ASP A 396 8.65 1.08 -22.59
CA ASP A 396 9.69 0.98 -21.57
C ASP A 396 10.13 2.35 -21.05
N ASN A 397 9.22 3.33 -21.08
CA ASN A 397 9.50 4.66 -20.55
C ASN A 397 9.18 4.67 -19.06
N GLY A 398 10.22 4.76 -18.24
CA GLY A 398 10.05 4.81 -16.79
C GLY A 398 10.38 6.17 -16.23
N SER A 399 10.33 7.20 -17.08
CA SER A 399 10.75 8.53 -16.65
C SER A 399 9.87 9.06 -15.53
N LEU A 400 8.56 8.82 -15.61
CA LEU A 400 7.68 9.26 -14.53
C LEU A 400 8.03 8.55 -13.23
N THR A 401 8.26 7.23 -13.30
CA THR A 401 8.70 6.51 -12.11
C THR A 401 10.11 6.92 -11.71
N ARG A 402 10.97 7.18 -12.70
CA ARG A 402 12.32 7.64 -12.41
C ARG A 402 12.30 8.99 -11.69
N TRP A 403 11.33 9.84 -12.05
CA TRP A 403 11.19 11.12 -11.38
C TRP A 403 10.41 11.00 -10.08
N LYS A 404 9.45 10.06 -10.02
CA LYS A 404 8.70 9.84 -8.78
C LYS A 404 9.63 9.39 -7.65
N LEU A 405 10.57 8.50 -7.95
CA LEU A 405 11.46 7.93 -6.96
C LEU A 405 12.83 8.60 -6.95
N GLU A 406 13.04 9.63 -7.77
CA GLU A 406 14.30 10.37 -7.80
C GLU A 406 15.49 9.46 -8.07
N VAL A 407 15.29 8.48 -8.95
CA VAL A 407 16.35 7.57 -9.37
C VAL A 407 17.32 8.35 -10.26
N PRO A 408 18.61 8.44 -9.92
CA PRO A 408 19.55 9.15 -10.78
C PRO A 408 19.55 8.58 -12.19
N THR A 409 19.52 9.49 -13.17
CA THR A 409 19.40 9.06 -14.57
C THR A 409 20.62 8.26 -15.00
N GLU A 410 21.80 8.59 -14.48
CA GLU A 410 23.00 7.85 -14.82
C GLU A 410 22.89 6.39 -14.42
N ARG A 411 22.29 6.13 -13.26
CA ARG A 411 22.20 4.78 -12.73
C ARG A 411 20.92 4.06 -13.16
N ALA A 412 19.91 4.77 -13.66
CA ALA A 412 18.66 4.14 -14.01
C ALA A 412 18.79 3.32 -15.29
N ALA A 413 17.95 2.29 -15.42
CA ALA A 413 17.94 1.43 -16.59
C ALA A 413 16.54 0.88 -16.79
N PHE A 414 16.07 0.90 -18.03
CA PHE A 414 14.69 0.53 -18.38
C PHE A 414 14.70 -0.73 -19.23
N LEU A 415 14.52 -1.89 -18.59
CA LEU A 415 14.38 -3.11 -19.36
C LEU A 415 12.97 -3.26 -19.92
N PRO A 416 12.81 -3.95 -21.05
CA PRO A 416 11.49 -4.11 -21.64
C PRO A 416 10.56 -4.86 -20.71
N PRO A 417 9.26 -4.59 -20.75
CA PRO A 417 8.32 -5.26 -19.86
C PRO A 417 7.91 -6.63 -20.39
N VAL A 418 7.28 -7.40 -19.51
CA VAL A 418 6.70 -8.70 -19.85
C VAL A 418 5.19 -8.54 -19.72
N HIS A 419 4.51 -8.42 -20.86
CA HIS A 419 3.06 -8.30 -20.93
C HIS A 419 2.56 -9.52 -21.71
N PRO A 420 2.38 -10.65 -21.03
CA PRO A 420 2.02 -11.89 -21.73
C PRO A 420 0.64 -11.83 -22.35
N ALA A 421 0.46 -12.65 -23.39
CA ALA A 421 -0.80 -12.65 -24.12
C ALA A 421 -1.96 -13.13 -23.24
N TRP A 422 -1.71 -14.13 -22.40
CA TRP A 422 -2.78 -14.72 -21.60
C TRP A 422 -3.36 -13.76 -20.57
N THR A 423 -2.68 -12.64 -20.29
CA THR A 423 -3.24 -11.66 -19.36
C THR A 423 -4.44 -10.91 -19.94
N THR A 424 -4.61 -10.96 -21.26
CA THR A 424 -5.74 -10.30 -21.91
C THR A 424 -6.65 -11.27 -22.65
N ALA A 425 -6.25 -12.54 -22.82
CA ALA A 425 -7.04 -13.46 -23.63
C ALA A 425 -8.40 -13.80 -23.02
N PRO A 426 -8.50 -14.23 -21.75
CA PRO A 426 -9.82 -14.59 -21.20
C PRO A 426 -10.82 -13.44 -21.14
N VAL A 427 -10.41 -12.22 -21.52
CA VAL A 427 -11.23 -11.03 -21.32
C VAL A 427 -11.94 -10.71 -22.63
N LEU A 428 -13.27 -10.61 -22.57
CA LEU A 428 -14.06 -10.08 -23.66
C LEU A 428 -14.45 -8.64 -23.30
N LEU A 429 -14.18 -7.71 -24.21
CA LEU A 429 -14.49 -6.31 -23.98
C LEU A 429 -15.78 -5.98 -24.72
N HIS A 430 -16.77 -5.47 -23.99
CA HIS A 430 -18.09 -5.23 -24.55
C HIS A 430 -18.20 -3.81 -25.07
N LYS A 431 -18.92 -3.66 -26.18
CA LYS A 431 -19.11 -2.35 -26.80
C LYS A 431 -20.12 -1.49 -26.04
N GLU A 432 -21.06 -2.12 -25.34
CA GLU A 432 -22.11 -1.39 -24.65
C GLU A 432 -21.52 -0.49 -23.58
N PHE A 433 -22.03 0.73 -23.48
CA PHE A 433 -21.51 1.69 -22.52
C PHE A 433 -22.60 2.73 -22.21
N CYS A 434 -22.29 3.61 -21.26
CA CYS A 434 -23.22 4.63 -20.80
C CYS A 434 -22.98 5.92 -21.57
N ALA A 435 -24.00 6.39 -22.28
CA ALA A 435 -23.85 7.55 -23.15
C ALA A 435 -23.59 8.82 -22.34
N HIS A 436 -24.28 8.99 -21.22
CA HIS A 436 -24.11 10.20 -20.41
C HIS A 436 -22.70 10.27 -19.85
N GLU A 437 -22.11 11.46 -19.93
CA GLU A 437 -20.76 11.64 -19.42
C GLU A 437 -20.78 11.73 -17.89
N PRO A 438 -19.75 11.23 -17.23
CA PRO A 438 -19.70 11.27 -15.76
C PRO A 438 -19.47 12.68 -15.25
N ASP A 439 -20.53 13.28 -14.71
CA ASP A 439 -20.48 14.65 -14.21
C ASP A 439 -21.14 14.75 -12.84
N ASP A 440 -21.13 13.67 -12.07
CA ASP A 440 -21.66 13.62 -10.72
C ASP A 440 -23.15 13.94 -10.66
N SER A 441 -23.83 13.91 -11.80
CA SER A 441 -25.22 14.31 -11.80
C SER A 441 -26.14 13.14 -11.52
N PRO A 442 -27.33 13.38 -10.98
CA PRO A 442 -28.32 12.30 -10.92
C PRO A 442 -28.65 11.73 -12.29
N GLU A 443 -28.65 12.58 -13.32
CA GLU A 443 -28.92 12.11 -14.67
C GLU A 443 -27.97 10.98 -15.08
N TRP A 444 -26.67 11.20 -14.86
CA TRP A 444 -25.69 10.15 -15.16
C TRP A 444 -25.92 8.92 -14.29
N ALA A 445 -26.25 9.13 -13.01
CA ALA A 445 -26.28 8.02 -12.07
C ALA A 445 -27.31 6.96 -12.48
N THR A 446 -28.51 7.39 -12.88
CA THR A 446 -29.53 6.42 -13.24
C THR A 446 -29.20 5.73 -14.56
N GLU A 447 -28.70 6.48 -15.55
CA GLU A 447 -28.34 5.86 -16.82
C GLU A 447 -27.20 4.85 -16.65
N CYS A 448 -26.18 5.23 -15.89
CA CYS A 448 -25.12 4.29 -15.56
C CYS A 448 -25.66 3.13 -14.72
N ALA A 449 -26.65 3.39 -13.87
CA ALA A 449 -27.24 2.31 -13.09
C ALA A 449 -27.97 1.31 -13.99
N GLN A 450 -28.67 1.81 -15.02
CA GLN A 450 -29.36 0.90 -15.93
C GLN A 450 -28.39 -0.03 -16.64
N THR A 451 -27.26 0.51 -17.11
CA THR A 451 -26.25 -0.34 -17.74
C THR A 451 -25.65 -1.30 -16.72
N ILE A 452 -25.46 -0.85 -15.48
CA ILE A 452 -24.92 -1.72 -14.44
C ILE A 452 -25.88 -2.86 -14.14
N GLN A 453 -27.18 -2.56 -14.10
CA GLN A 453 -28.18 -3.62 -13.91
C GLN A 453 -28.14 -4.61 -15.06
N GLY A 454 -27.99 -4.13 -16.29
CA GLY A 454 -27.87 -5.03 -17.42
C GLY A 454 -26.68 -5.95 -17.29
N VAL A 455 -25.56 -5.44 -16.77
CA VAL A 455 -24.39 -6.27 -16.53
C VAL A 455 -24.67 -7.28 -15.41
N ALA A 456 -25.36 -6.84 -14.36
CA ALA A 456 -25.65 -7.72 -13.23
C ALA A 456 -26.51 -8.91 -13.63
N SER A 457 -27.43 -8.72 -14.56
CA SER A 457 -28.27 -9.82 -15.00
C SER A 457 -27.47 -10.87 -15.77
N THR A 458 -26.76 -10.45 -16.82
CA THR A 458 -25.96 -11.38 -17.61
C THR A 458 -24.80 -11.98 -16.82
N ALA A 459 -24.41 -11.36 -15.71
CA ALA A 459 -23.26 -11.83 -14.95
C ALA A 459 -23.48 -13.26 -14.48
N GLN A 460 -22.48 -14.11 -14.70
CA GLN A 460 -22.47 -15.49 -14.20
C GLN A 460 -21.57 -15.63 -12.99
N GLY A 461 -21.52 -14.60 -12.16
CA GLY A 461 -20.65 -14.61 -11.01
C GLY A 461 -20.60 -13.23 -10.37
N GLY A 462 -19.51 -12.97 -9.64
CA GLY A 462 -19.37 -11.70 -8.97
C GLY A 462 -19.08 -10.58 -9.95
N THR A 463 -19.60 -9.39 -9.62
CA THR A 463 -19.43 -8.20 -10.43
C THR A 463 -18.82 -7.10 -9.58
N LEU A 464 -17.80 -6.43 -10.12
CA LEU A 464 -17.16 -5.30 -9.46
C LEU A 464 -17.22 -4.09 -10.38
N VAL A 465 -17.95 -3.06 -9.95
CA VAL A 465 -17.99 -1.79 -10.67
C VAL A 465 -17.11 -0.79 -9.93
N LEU A 466 -16.23 -0.12 -10.66
CA LEU A 466 -15.21 0.73 -10.07
C LEU A 466 -15.62 2.20 -10.23
N CYS A 467 -15.70 2.90 -9.10
CA CYS A 467 -16.10 4.29 -9.05
C CYS A 467 -14.94 5.14 -8.54
N THR A 468 -14.88 6.39 -9.00
CA THR A 468 -13.79 7.28 -8.68
C THR A 468 -14.03 8.12 -7.42
N SER A 469 -15.28 8.26 -6.98
CA SER A 469 -15.59 9.14 -5.86
C SER A 469 -16.58 8.47 -4.92
N TYR A 470 -16.62 8.99 -3.69
CA TYR A 470 -17.70 8.64 -2.78
C TYR A 470 -19.04 9.14 -3.31
N GLN A 471 -19.05 10.32 -3.94
CA GLN A 471 -20.28 10.87 -4.47
C GLN A 471 -20.84 10.00 -5.60
N ASN A 472 -19.97 9.60 -6.53
CA ASN A 472 -20.44 8.80 -7.67
C ASN A 472 -20.96 7.44 -7.21
N THR A 473 -20.28 6.81 -6.26
CA THR A 473 -20.73 5.50 -5.78
C THR A 473 -21.98 5.62 -4.90
N GLU A 474 -22.11 6.71 -4.14
CA GLU A 474 -23.31 6.91 -3.33
C GLU A 474 -24.51 7.19 -4.22
N LEU A 475 -24.30 7.93 -5.30
CA LEU A 475 -25.35 8.15 -6.29
C LEU A 475 -25.79 6.83 -6.90
N LEU A 476 -24.82 6.00 -7.30
CA LEU A 476 -25.14 4.70 -7.88
C LEU A 476 -25.86 3.81 -6.88
N ALA A 477 -25.44 3.87 -5.61
CA ALA A 477 -26.10 3.08 -4.57
C ALA A 477 -27.56 3.49 -4.41
N GLY A 478 -27.83 4.79 -4.46
CA GLY A 478 -29.21 5.24 -4.38
C GLY A 478 -30.08 4.76 -5.53
N ARG A 479 -29.46 4.52 -6.69
CA ARG A 479 -30.18 4.01 -7.85
C ARG A 479 -30.21 2.50 -7.93
N LEU A 480 -29.34 1.80 -7.19
CA LEU A 480 -29.24 0.36 -7.27
C LEU A 480 -29.57 -0.37 -5.96
N GLY A 481 -29.64 0.34 -4.83
CA GLY A 481 -29.90 -0.34 -3.57
C GLY A 481 -31.23 -1.05 -3.55
N ALA A 482 -32.27 -0.42 -4.09
CA ALA A 482 -33.57 -1.08 -4.18
C ALA A 482 -33.62 -2.08 -5.34
N ALA A 483 -32.95 -1.77 -6.45
CA ALA A 483 -33.04 -2.63 -7.62
C ALA A 483 -32.36 -3.99 -7.38
N LEU A 484 -31.15 -3.97 -6.82
CA LEU A 484 -30.38 -5.19 -6.63
C LEU A 484 -30.52 -5.79 -5.23
N GLY A 485 -30.92 -4.99 -4.25
CA GLY A 485 -31.21 -5.55 -2.94
C GLY A 485 -29.99 -6.13 -2.27
N ASP A 486 -30.10 -7.41 -1.87
CA ASP A 486 -29.04 -8.05 -1.10
C ASP A 486 -27.75 -8.25 -1.91
N ARG A 487 -27.82 -8.29 -3.24
CA ARG A 487 -26.62 -8.49 -4.04
C ARG A 487 -25.64 -7.34 -3.89
N LEU A 488 -26.14 -6.14 -3.61
CA LEU A 488 -25.32 -4.94 -3.68
C LEU A 488 -24.41 -4.80 -2.48
N ILE A 489 -23.16 -4.43 -2.74
CA ILE A 489 -22.19 -4.06 -1.72
C ILE A 489 -21.69 -2.66 -2.05
N VAL A 490 -21.72 -1.77 -1.07
CA VAL A 490 -21.29 -0.38 -1.25
C VAL A 490 -20.08 -0.11 -0.35
N GLN A 491 -19.00 0.32 -0.98
CA GLN A 491 -17.88 0.86 -0.21
C GLN A 491 -18.21 2.29 0.21
N SER A 492 -17.82 2.65 1.42
CA SER A 492 -18.18 3.95 1.95
C SER A 492 -17.19 4.34 3.05
N LYS A 493 -17.45 5.51 3.66
CA LYS A 493 -16.65 5.93 4.79
C LYS A 493 -16.79 4.97 5.96
N THR A 494 -17.91 4.25 6.03
CA THR A 494 -18.17 3.27 7.08
C THR A 494 -18.01 1.84 6.62
N SER A 495 -17.68 1.61 5.35
CA SER A 495 -17.47 0.26 4.82
C SER A 495 -16.16 0.24 4.06
N SER A 496 -15.17 -0.48 4.60
CA SER A 496 -13.84 -0.52 4.02
C SER A 496 -13.82 -1.40 2.78
N ALA A 497 -12.74 -1.26 2.01
CA ALA A 497 -12.50 -2.18 0.90
C ALA A 497 -12.30 -3.60 1.42
N ALA A 498 -11.60 -3.75 2.53
CA ALA A 498 -11.43 -5.08 3.13
C ALA A 498 -12.76 -5.65 3.58
N THR A 499 -13.60 -4.82 4.20
CA THR A 499 -14.93 -5.28 4.59
C THR A 499 -15.73 -5.74 3.37
N CYS A 500 -15.79 -4.89 2.35
CA CYS A 500 -16.55 -5.21 1.14
C CYS A 500 -15.95 -6.40 0.41
N LEU A 501 -14.63 -6.55 0.45
CA LEU A 501 -14.00 -7.74 -0.12
C LEU A 501 -14.44 -9.00 0.58
N ALA A 502 -14.54 -8.95 1.92
CA ALA A 502 -15.00 -10.11 2.68
C ALA A 502 -16.44 -10.48 2.33
N GLN A 503 -17.31 -9.47 2.23
CA GLN A 503 -18.70 -9.73 1.85
C GLN A 503 -18.80 -10.21 0.41
N PHE A 504 -17.94 -9.69 -0.48
CA PHE A 504 -17.95 -10.14 -1.87
C PHE A 504 -17.62 -11.63 -1.96
N LYS A 505 -16.59 -12.06 -1.23
CA LYS A 505 -16.26 -13.48 -1.18
C LYS A 505 -17.38 -14.29 -0.54
N ALA A 506 -17.93 -13.79 0.56
CA ALA A 506 -18.97 -14.52 1.28
C ALA A 506 -20.23 -14.69 0.43
N LYS A 507 -20.67 -13.62 -0.22
CA LYS A 507 -21.85 -13.72 -1.07
C LYS A 507 -21.62 -14.69 -2.22
N HIS A 508 -20.40 -14.75 -2.75
CA HIS A 508 -20.07 -15.77 -3.74
C HIS A 508 -20.06 -17.16 -3.12
N LYS A 509 -19.64 -17.28 -1.87
CA LYS A 509 -19.69 -18.57 -1.19
C LYS A 509 -21.14 -19.07 -1.08
N ALA A 510 -22.07 -18.18 -0.76
CA ALA A 510 -23.48 -18.51 -0.67
C ALA A 510 -24.16 -18.63 -2.02
N GLY A 511 -23.39 -18.64 -3.11
CA GLY A 511 -23.92 -18.84 -4.43
C GLY A 511 -24.64 -17.65 -5.03
N ILE A 512 -24.82 -16.57 -4.28
CA ILE A 512 -25.52 -15.39 -4.79
C ILE A 512 -24.49 -14.49 -5.48
N ARG A 513 -24.87 -13.95 -6.62
CA ARG A 513 -23.93 -13.20 -7.46
C ARG A 513 -23.86 -11.74 -7.01
N PRO A 514 -22.84 -11.35 -6.26
CA PRO A 514 -22.80 -9.99 -5.72
C PRO A 514 -22.40 -8.98 -6.79
N VAL A 515 -22.69 -7.73 -6.49
CA VAL A 515 -22.13 -6.60 -7.23
C VAL A 515 -21.50 -5.67 -6.21
N TRP A 516 -20.35 -5.10 -6.56
CA TRP A 516 -19.54 -4.31 -5.64
C TRP A 516 -19.35 -2.92 -6.21
N LEU A 517 -19.95 -1.93 -5.54
CA LEU A 517 -19.74 -0.51 -5.87
C LEU A 517 -18.44 -0.10 -5.22
N GLY A 518 -17.34 -0.35 -5.92
CA GLY A 518 -16.01 -0.23 -5.34
C GLY A 518 -15.33 1.08 -5.71
N LEU A 519 -14.56 1.61 -4.76
CA LEU A 519 -13.75 2.80 -4.98
C LEU A 519 -12.44 2.63 -4.22
N GLY A 520 -11.54 3.58 -4.45
CA GLY A 520 -10.32 3.63 -3.65
C GLY A 520 -9.46 2.40 -3.86
N ALA A 521 -9.27 1.64 -2.78
CA ALA A 521 -8.37 0.49 -2.82
C ALA A 521 -8.90 -0.65 -3.68
N ALA A 522 -10.21 -0.69 -3.95
CA ALA A 522 -10.73 -1.69 -4.86
C ALA A 522 -10.17 -1.50 -6.26
N TRP A 523 -9.78 -0.26 -6.60
CA TRP A 523 -9.16 0.02 -7.88
C TRP A 523 -7.83 -0.72 -8.01
N THR A 524 -7.01 -0.67 -6.96
CA THR A 524 -5.67 -1.25 -6.97
C THR A 524 -5.42 -1.97 -5.65
N GLY A 525 -5.14 -3.27 -5.73
CA GLY A 525 -4.67 -4.01 -4.58
C GLY A 525 -5.67 -4.89 -3.86
N ILE A 526 -6.69 -5.41 -4.57
CA ILE A 526 -7.57 -6.42 -4.02
C ILE A 526 -7.41 -7.70 -4.85
N ASP A 527 -7.18 -8.81 -4.17
CA ASP A 527 -7.02 -10.10 -4.85
C ASP A 527 -8.39 -10.73 -5.01
N LEU A 528 -8.99 -10.54 -6.18
CA LEU A 528 -10.28 -11.13 -6.52
C LEU A 528 -10.13 -12.44 -7.27
N SER A 529 -9.05 -13.18 -7.00
CA SER A 529 -8.87 -14.54 -7.45
C SER A 529 -9.29 -15.50 -6.35
N ASP A 530 -10.04 -16.53 -6.71
CA ASP A 530 -10.61 -17.44 -5.72
C ASP A 530 -9.59 -18.49 -5.31
N HIS A 531 -9.37 -18.61 -4.00
CA HIS A 531 -8.40 -19.55 -3.47
C HIS A 531 -9.03 -20.88 -3.04
N SER A 532 -10.35 -20.96 -3.00
CA SER A 532 -10.99 -22.27 -2.89
C SER A 532 -10.85 -23.09 -4.16
N LEU A 533 -10.13 -22.57 -5.16
CA LEU A 533 -9.84 -23.30 -6.40
C LEU A 533 -8.37 -23.12 -6.74
N PRO A 534 -7.48 -23.75 -5.97
CA PRO A 534 -6.03 -23.56 -6.21
C PRO A 534 -5.55 -24.11 -7.53
N ASP A 535 -5.78 -25.40 -7.78
CA ASP A 535 -5.20 -26.12 -8.90
C ASP A 535 -5.97 -25.93 -10.20
N ASN A 536 -7.13 -25.28 -10.15
CA ASN A 536 -8.07 -25.26 -11.26
C ASN A 536 -8.57 -23.84 -11.52
N PRO A 537 -7.88 -23.08 -12.38
CA PRO A 537 -8.34 -21.71 -12.68
C PRO A 537 -9.46 -21.65 -13.70
N GLU A 538 -9.68 -22.70 -14.48
CA GLU A 538 -10.71 -22.69 -15.50
C GLU A 538 -12.12 -22.59 -14.90
N LEU A 539 -12.28 -22.97 -13.64
CA LEU A 539 -13.58 -22.94 -12.97
C LEU A 539 -13.71 -21.76 -12.01
N ASP A 540 -12.78 -20.80 -12.05
CA ASP A 540 -12.83 -19.65 -11.17
C ASP A 540 -13.81 -18.63 -11.75
N ARG A 541 -14.83 -18.27 -10.97
CA ARG A 541 -15.81 -17.27 -11.39
C ARG A 541 -16.16 -16.34 -10.23
N LEU A 542 -15.17 -16.04 -9.39
CA LEU A 542 -15.40 -15.06 -8.32
C LEU A 542 -15.67 -13.68 -8.91
N LEU A 543 -14.99 -13.33 -10.00
CA LEU A 543 -15.17 -12.04 -10.67
C LEU A 543 -15.32 -12.28 -12.17
N SER A 544 -16.56 -12.34 -12.63
CA SER A 544 -16.84 -12.55 -14.04
C SER A 544 -17.06 -11.24 -14.81
N ASP A 545 -17.30 -10.14 -14.10
CA ASP A 545 -17.62 -8.87 -14.74
C ASP A 545 -16.92 -7.74 -13.99
N LEU A 546 -16.01 -7.05 -14.68
CA LEU A 546 -15.43 -5.81 -14.20
C LEU A 546 -16.04 -4.65 -14.97
N VAL A 547 -16.43 -3.60 -14.24
CA VAL A 547 -17.16 -2.48 -14.83
C VAL A 547 -16.46 -1.19 -14.41
N ILE A 548 -15.81 -0.53 -15.36
CA ILE A 548 -15.24 0.80 -15.14
C ILE A 548 -16.31 1.83 -15.44
N THR A 549 -16.66 2.64 -14.44
CA THR A 549 -17.68 3.67 -14.62
C THR A 549 -17.09 4.98 -15.12
N ARG A 550 -15.78 5.17 -15.02
CA ARG A 550 -15.18 6.49 -15.21
C ARG A 550 -13.68 6.34 -15.26
N ILE A 551 -13.04 7.12 -16.13
CA ILE A 551 -11.58 7.10 -16.22
C ILE A 551 -11.01 7.64 -14.90
N PRO A 552 -10.06 6.95 -14.27
CA PRO A 552 -9.59 7.35 -12.92
C PRO A 552 -8.65 8.54 -12.96
N VAL A 553 -9.20 9.70 -13.32
CA VAL A 553 -8.45 10.95 -13.32
C VAL A 553 -8.66 11.62 -11.96
N GLY A 554 -7.66 12.39 -11.54
CA GLY A 554 -7.74 13.06 -10.26
C GLY A 554 -7.70 12.14 -9.06
N GLN A 555 -7.18 10.92 -9.24
CA GLN A 555 -7.16 9.92 -8.18
C GLN A 555 -5.98 10.07 -7.21
N ASN A 556 -5.04 10.97 -7.49
CA ASN A 556 -3.86 11.13 -6.65
C ASN A 556 -3.72 12.60 -6.25
N ARG A 557 -3.64 12.84 -4.95
CA ARG A 557 -3.62 14.20 -4.40
C ARG A 557 -2.53 14.35 -3.34
N SER A 558 -1.47 13.55 -3.42
CA SER A 558 -0.37 13.66 -2.48
C SER A 558 0.41 14.95 -2.73
N LEU A 559 1.08 15.43 -1.69
CA LEU A 559 1.91 16.63 -1.83
C LEU A 559 2.98 16.42 -2.88
N THR A 560 3.61 15.25 -2.86
CA THR A 560 4.67 14.95 -3.83
C THR A 560 4.15 14.96 -5.26
N HIS A 561 2.97 14.37 -5.49
CA HIS A 561 2.42 14.33 -6.85
C HIS A 561 1.80 15.65 -7.25
N GLU A 562 1.17 16.37 -6.32
CA GLU A 562 0.59 17.67 -6.66
C GLU A 562 1.65 18.66 -7.10
N ARG A 563 2.79 18.69 -6.40
CA ARG A 563 3.94 19.45 -6.89
C ARG A 563 4.42 18.91 -8.22
N ARG A 564 4.50 17.58 -8.35
CA ARG A 564 4.92 16.96 -9.60
C ARG A 564 3.95 17.26 -10.73
N THR A 565 2.71 17.63 -10.41
CA THR A 565 1.77 18.05 -11.45
C THR A 565 1.93 19.53 -11.79
N ALA A 566 2.17 20.36 -10.78
CA ALA A 566 2.29 21.79 -11.02
C ALA A 566 3.44 22.09 -11.96
N ILE A 567 4.57 21.39 -11.79
CA ILE A 567 5.72 21.59 -12.66
C ILE A 567 5.50 20.97 -14.04
N GLY A 568 4.96 19.74 -14.07
CA GLY A 568 4.89 18.99 -15.31
C GLY A 568 3.69 19.24 -16.21
N GLY A 569 2.56 19.61 -15.62
CA GLY A 569 1.36 19.88 -16.39
C GLY A 569 0.38 18.72 -16.41
N PHE A 570 -0.49 18.73 -17.42
CA PHE A 570 -1.52 17.71 -17.53
C PHE A 570 -0.98 16.36 -17.99
N ARG A 571 0.24 16.33 -18.53
CA ARG A 571 0.85 15.04 -18.86
C ARG A 571 0.94 14.16 -17.62
N ILE A 572 1.38 14.74 -16.49
CA ILE A 572 1.46 13.99 -15.25
C ILE A 572 0.08 13.49 -14.85
N ILE A 573 -0.95 14.32 -15.03
CA ILE A 573 -2.31 13.91 -14.72
C ILE A 573 -2.72 12.71 -15.57
N SER A 574 -2.48 12.79 -16.88
CA SER A 574 -2.90 11.73 -17.78
C SER A 574 -2.10 10.46 -17.57
N GLN A 575 -0.77 10.59 -17.42
CA GLN A 575 0.07 9.42 -17.20
C GLN A 575 -0.31 8.69 -15.92
N GLU A 576 -0.53 9.44 -14.84
CA GLU A 576 -0.91 8.83 -13.56
C GLU A 576 -2.30 8.23 -13.63
N ALA A 577 -3.21 8.88 -14.36
CA ALA A 577 -4.55 8.32 -14.52
C ALA A 577 -4.52 7.02 -15.30
N ALA A 578 -3.66 6.95 -16.33
CA ALA A 578 -3.54 5.72 -17.10
C ALA A 578 -2.96 4.59 -16.26
N TRP A 579 -2.00 4.90 -15.38
CA TRP A 579 -1.48 3.90 -14.46
C TRP A 579 -2.59 3.35 -13.58
N HIS A 580 -3.34 4.24 -12.94
CA HIS A 580 -4.48 3.82 -12.12
C HIS A 580 -5.49 3.04 -12.96
N PHE A 581 -5.62 3.40 -14.24
CA PHE A 581 -6.55 2.71 -15.13
C PHE A 581 -6.09 1.28 -15.41
N ARG A 582 -4.80 1.10 -15.71
CA ARG A 582 -4.26 -0.24 -15.93
C ARG A 582 -4.41 -1.10 -14.68
N GLN A 583 -4.12 -0.53 -13.52
CA GLN A 583 -4.23 -1.26 -12.27
C GLN A 583 -5.67 -1.68 -12.00
N GLY A 584 -6.62 -0.80 -12.31
CA GLY A 584 -8.02 -1.16 -12.18
C GLY A 584 -8.42 -2.29 -13.10
N LEU A 585 -7.86 -2.30 -14.31
CA LEU A 585 -8.13 -3.40 -15.23
C LEU A 585 -7.46 -4.70 -14.79
N GLY A 586 -6.40 -4.60 -13.99
CA GLY A 586 -5.69 -5.78 -13.54
C GLY A 586 -6.43 -6.62 -12.52
N ARG A 587 -7.61 -6.18 -12.06
CA ARG A 587 -8.39 -6.99 -11.14
C ARG A 587 -8.98 -8.22 -11.82
N LEU A 588 -9.16 -8.17 -13.14
CA LEU A 588 -9.85 -9.24 -13.85
C LEU A 588 -9.02 -10.52 -13.90
N VAL A 589 -7.86 -10.46 -14.53
CA VAL A 589 -7.00 -11.64 -14.72
C VAL A 589 -5.88 -11.59 -13.70
N ARG A 590 -5.74 -12.66 -12.92
CA ARG A 590 -4.69 -12.77 -11.92
C ARG A 590 -3.83 -14.01 -12.09
N ARG A 591 -4.18 -14.90 -13.04
CA ARG A 591 -3.43 -16.12 -13.30
C ARG A 591 -3.88 -16.69 -14.64
N PRO A 592 -3.01 -17.39 -15.37
CA PRO A 592 -3.40 -17.92 -16.68
C PRO A 592 -4.39 -19.08 -16.54
N GLY A 593 -5.17 -19.28 -17.60
CA GLY A 593 -6.10 -20.38 -17.67
C GLY A 593 -7.51 -20.08 -17.23
N VAL A 594 -7.80 -18.85 -16.82
CA VAL A 594 -9.18 -18.49 -16.52
C VAL A 594 -9.93 -18.23 -17.82
N THR A 595 -11.27 -18.24 -17.74
CA THR A 595 -12.11 -18.08 -18.92
C THR A 595 -13.37 -17.31 -18.57
N HIS A 596 -14.01 -16.79 -19.61
CA HIS A 596 -15.27 -16.05 -19.51
C HIS A 596 -15.19 -14.95 -18.46
N LYS A 597 -14.30 -13.99 -18.74
CA LYS A 597 -14.11 -12.79 -17.97
C LYS A 597 -14.63 -11.61 -18.79
N ASN A 598 -15.38 -10.71 -18.17
CA ASN A 598 -16.00 -9.60 -18.88
C ASN A 598 -15.42 -8.27 -18.38
N LEU A 599 -15.09 -7.40 -19.33
CA LEU A 599 -14.59 -6.05 -19.03
C LEU A 599 -15.55 -5.04 -19.64
N TRP A 600 -16.01 -4.10 -18.82
CA TRP A 600 -16.93 -3.05 -19.23
C TRP A 600 -16.33 -1.71 -18.84
N VAL A 601 -16.18 -0.81 -19.82
CA VAL A 601 -15.83 0.58 -19.56
C VAL A 601 -16.96 1.45 -20.09
N LEU A 602 -17.57 2.23 -19.21
CA LEU A 602 -18.77 2.98 -19.54
C LEU A 602 -18.53 4.46 -19.76
N ASP A 603 -17.35 4.97 -19.40
CA ASP A 603 -17.04 6.38 -19.59
C ASP A 603 -17.15 6.71 -21.07
N ALA A 604 -18.17 7.49 -21.43
CA ALA A 604 -18.43 7.80 -22.84
C ALA A 604 -17.29 8.56 -23.48
N ARG A 605 -16.45 9.22 -22.67
CA ARG A 605 -15.29 9.93 -23.20
C ARG A 605 -14.34 8.99 -23.93
N ILE A 606 -14.32 7.71 -23.55
CA ILE A 606 -13.48 6.73 -24.23
C ILE A 606 -13.88 6.62 -25.69
N TYR A 607 -15.18 6.67 -25.95
CA TYR A 607 -15.72 6.40 -27.28
C TYR A 607 -15.90 7.65 -28.12
N GLY A 608 -15.85 8.83 -27.50
CA GLY A 608 -15.90 10.06 -28.23
C GLY A 608 -14.58 10.36 -28.92
N GLY A 609 -14.53 11.55 -29.53
CA GLY A 609 -13.36 11.91 -30.32
C GLY A 609 -12.15 12.38 -29.53
N ALA A 610 -12.37 12.93 -28.32
CA ALA A 610 -11.36 13.67 -27.58
C ALA A 610 -9.97 13.04 -27.65
N ALA A 611 -8.97 13.85 -27.98
CA ALA A 611 -7.61 13.35 -28.12
C ALA A 611 -7.00 12.96 -26.78
N TRP A 612 -7.47 13.56 -25.68
CA TRP A 612 -6.82 13.32 -24.39
C TRP A 612 -7.12 11.94 -23.84
N VAL A 613 -8.15 11.26 -24.35
CA VAL A 613 -8.47 9.91 -23.89
C VAL A 613 -7.78 8.89 -24.79
N ALA A 614 -6.90 9.36 -25.68
CA ALA A 614 -6.19 8.44 -26.57
C ALA A 614 -5.40 7.36 -25.83
N PRO A 615 -4.66 7.65 -24.75
CA PRO A 615 -3.95 6.55 -24.06
C PRO A 615 -4.87 5.46 -23.55
N PHE A 616 -6.00 5.82 -22.95
CA PHE A 616 -6.93 4.82 -22.45
C PHE A 616 -7.58 4.05 -23.59
N ARG A 617 -7.75 4.69 -24.75
CA ARG A 617 -8.16 3.96 -25.95
C ARG A 617 -7.14 2.90 -26.31
N GLN A 618 -5.85 3.25 -26.25
CA GLN A 618 -4.80 2.35 -26.72
C GLN A 618 -4.67 1.12 -25.83
N ILE A 619 -4.85 1.29 -24.51
CA ILE A 619 -4.83 0.15 -23.61
C ILE A 619 -5.94 -0.82 -23.98
N LEU A 620 -7.14 -0.29 -24.20
CA LEU A 620 -8.29 -1.10 -24.58
C LEU A 620 -8.13 -1.74 -25.95
N ASP A 621 -7.25 -1.19 -26.80
CA ASP A 621 -7.02 -1.73 -28.13
C ASP A 621 -6.38 -3.11 -28.10
N ARG A 622 -5.84 -3.53 -26.95
CA ARG A 622 -5.22 -4.84 -26.82
C ARG A 622 -6.24 -5.94 -26.53
N TYR A 623 -7.48 -5.60 -26.21
CA TYR A 623 -8.59 -6.53 -26.24
C TYR A 623 -9.26 -6.47 -27.60
N LYS A 624 -10.17 -7.42 -27.86
CA LYS A 624 -10.88 -7.41 -29.12
C LYS A 624 -12.29 -7.97 -28.95
N LYS A 625 -13.18 -7.51 -29.84
CA LYS A 625 -14.54 -8.02 -29.97
C LYS A 625 -15.31 -8.05 -28.66
#